data_8CLM
#
_entry.id   8CLM
#
_cell.length_a   30.103
_cell.length_b   49.303
_cell.length_c   55.868
_cell.angle_alpha   90.000
_cell.angle_beta   97.149
_cell.angle_gamma   90.000
#
_symmetry.space_group_name_H-M   'P 1 21 1'
#
loop_
_entity.id
_entity.type
_entity.pdbx_description
1 polymer "RNA (5'-R(*G*UP*CP*UP*CP*CP*UP*AP*GP*)-3')"
2 polymer "RNA (5'-R(*(UZL)*(OMU)P*(A2M)P*(OMG)P*(OMG)P*(A2M)P*(OMG)P*(A2M)P*(OMC)P*)-3')"
3 non-polymer 'SULFATE ION'
4 non-polymer 'POTASSIUM ION'
5 water water
#
loop_
_entity_poly.entity_id
_entity_poly.type
_entity_poly.pdbx_seq_one_letter_code
_entity_poly.pdbx_strand_id
1 'polyribonucleotide' GUCUCCUAG A,B,C
2 'polyribonucleotide' (UZL)(OMU)(A2M)(OMG)(OMG)(A2M)(OMG)(A2M)(OMC) D,E,F
#
loop_
_chem_comp.id
_chem_comp.type
_chem_comp.name
_chem_comp.formula
A RNA linking ADENOSINE-5'-MONOPHOSPHATE 'C10 H14 N5 O7 P'
A2M RNA linking '2'-O-methyladenosine 5'-(dihydrogen phosphate)' 'C11 H16 N5 O7 P'
C RNA linking CYTIDINE-5'-MONOPHOSPHATE 'C9 H14 N3 O8 P'
G RNA linking GUANOSINE-5'-MONOPHOSPHATE 'C10 H14 N5 O8 P'
K non-polymer 'POTASSIUM ION' 'K 1'
OMC RNA linking O2'-METHYLYCYTIDINE-5'-MONOPHOSPHATE 'C10 H16 N3 O8 P'
OMG RNA linking O2'-METHYLGUANOSINE-5'-MONOPHOSPHATE 'C11 H16 N5 O8 P'
OMU RNA linking 'O2'-METHYLURIDINE 5'-MONOPHOSPHATE' 'C10 H15 N2 O9 P'
SO4 non-polymer 'SULFATE ION' 'O4 S -2'
U RNA linking URIDINE-5'-MONOPHOSPHATE 'C9 H13 N2 O9 P'
UZL RNA OH 3 prime terminus O2'-methylycytidine 'C10 H15 N3 O5'
#
# COMPACT_ATOMS: atom_id res chain seq x y z
N1 UZL B 1 7.33 10.92 1.42
C2 UZL B 1 7.51 11.29 0.09
N3 UZL B 1 7.89 10.34 -0.79
C4 UZL B 1 8.04 9.07 -0.42
C5 UZL B 1 7.85 8.68 0.93
C6 UZL B 1 7.48 9.62 1.81
O2 UZL B 1 7.33 12.47 -0.19
N4 UZL B 1 8.45 8.18 -1.32
C1' UZL B 1 6.96 12.03 2.35
C2' UZL B 1 5.52 12.54 2.21
O2' UZL B 1 5.48 13.91 2.59
CM2 UZL B 1 5.91 14.85 1.61
C3' UZL B 1 4.79 11.61 3.19
C4' UZL B 1 5.82 11.60 4.34
O4' UZL B 1 7.12 11.58 3.68
O3' UZL B 1 3.52 12.08 3.65
C5' UZL B 1 5.73 10.46 5.31
O5' UZL B 1 5.73 9.20 4.61
N1 OMU B 2 3.75 11.92 -1.97
C2 OMU B 2 4.17 11.53 -3.22
N3 OMU B 2 4.71 10.29 -3.27
C4 OMU B 2 4.93 9.41 -2.22
C5 OMU B 2 4.50 9.90 -0.94
C6 OMU B 2 3.93 11.11 -0.86
O2 OMU B 2 3.99 12.21 -4.23
O4 OMU B 2 5.49 8.33 -2.45
C1' OMU B 2 3.19 13.29 -1.84
C2' OMU B 2 1.73 13.44 -2.27
O2' OMU B 2 1.40 14.74 -2.75
CM2 OMU B 2 1.95 14.99 -4.06
C3' OMU B 2 1.04 13.24 -0.94
C4' OMU B 2 1.96 13.99 0.01
O3' OMU B 2 -0.23 13.83 -0.88
O4' OMU B 2 3.26 13.62 -0.46
C5' OMU B 2 1.83 13.60 1.47
O5' OMU B 2 2.10 12.20 1.59
P OMU B 2 2.16 11.44 3.01
OP1 OMU B 2 1.17 12.11 3.93
OP2 OMU B 2 2.26 9.97 2.81
P A2M B 3 -1.47 12.86 -1.10
OP1 A2M B 3 -2.68 13.80 -1.05
O5' A2M B 3 -1.52 12.26 -2.61
C5' A2M B 3 -1.68 13.18 -3.71
C4' A2M B 3 -1.32 12.47 -4.98
O4' A2M B 3 0.12 12.17 -4.99
C3' A2M B 3 -1.98 11.12 -5.24
O3' A2M B 3 -3.32 11.41 -5.64
C2' A2M B 3 -1.06 10.59 -6.33
O2' A2M B 3 -1.36 11.39 -7.48
C1' A2M B 3 0.32 11.01 -5.76
CM' A2M B 3 -0.89 10.79 -8.70
N9 A2M B 3 1.00 9.99 -4.97
C8 A2M B 3 1.11 9.84 -3.60
N7 A2M B 3 1.76 8.75 -3.24
C5 A2M B 3 2.15 8.18 -4.46
C6 A2M B 3 2.92 7.04 -4.79
N6 A2M B 3 3.49 6.25 -3.90
N1 A2M B 3 3.10 6.73 -6.10
C2 A2M B 3 2.57 7.57 -7.00
N3 A2M B 3 1.80 8.65 -6.83
C4 A2M B 3 1.66 8.91 -5.52
OP2 A2M B 3 -1.47 11.66 -0.20
P OMG B 4 -4.30 10.18 -5.46
OP1 OMG B 4 -5.66 10.65 -5.90
OP2 OMG B 4 -4.25 9.49 -4.10
O5' OMG B 4 -3.76 9.24 -6.65
C5' OMG B 4 -3.97 7.85 -6.63
C4' OMG B 4 -3.16 7.25 -7.75
O4' OMG B 4 -1.75 7.55 -7.56
C3' OMG B 4 -3.23 5.72 -7.87
O3' OMG B 4 -4.45 5.24 -8.44
C2' OMG B 4 -1.97 5.45 -8.66
O2' OMG B 4 -2.16 5.80 -10.01
CM2 OMG B 4 -1.12 5.36 -10.90
C1' OMG B 4 -1.01 6.42 -7.97
N9 OMG B 4 -0.38 5.82 -6.80
C8 OMG B 4 -0.52 6.18 -5.49
N7 OMG B 4 0.19 5.45 -4.67
C5 OMG B 4 0.86 4.55 -5.51
C6 OMG B 4 1.75 3.49 -5.19
O6 OMG B 4 2.19 3.15 -4.08
N1 OMG B 4 2.20 2.83 -6.34
C2 OMG B 4 1.76 3.10 -7.60
N2 OMG B 4 2.27 2.34 -8.58
N3 OMG B 4 0.92 4.09 -7.92
C4 OMG B 4 0.50 4.77 -6.82
P OMG B 5 -5.05 3.84 -7.95
OP1 OMG B 5 -6.38 3.72 -8.68
OP2 OMG B 5 -5.05 3.71 -6.47
O5' OMG B 5 -4.07 2.74 -8.58
C5' OMG B 5 -3.85 2.71 -10.00
C4' OMG B 5 -2.88 1.61 -10.33
O4' OMG B 5 -1.56 1.98 -9.81
C3' OMG B 5 -3.13 0.22 -9.71
O3' OMG B 5 -4.06 -0.56 -10.50
C2' OMG B 5 -1.74 -0.34 -9.79
O2' OMG B 5 -1.41 -0.64 -11.15
CM2 OMG B 5 -0.12 -1.21 -11.34
C1' OMG B 5 -0.89 0.85 -9.34
N9 OMG B 5 -0.75 0.93 -7.88
C8 OMG B 5 -1.34 1.76 -6.97
N7 OMG B 5 -0.97 1.51 -5.73
C5 OMG B 5 0.01 0.52 -5.86
C6 OMG B 5 0.79 -0.17 -4.89
O6 OMG B 5 0.82 -0.01 -3.66
N1 OMG B 5 1.59 -1.15 -5.48
C2 OMG B 5 1.62 -1.44 -6.81
N2 OMG B 5 2.43 -2.43 -7.20
N3 OMG B 5 0.88 -0.82 -7.71
C4 OMG B 5 0.11 0.14 -7.18
P A2M B 6 -4.91 -1.63 -9.66
OP1 A2M B 6 -6.01 -2.13 -10.56
O5' A2M B 6 -3.89 -2.80 -9.30
C5' A2M B 6 -3.16 -3.46 -10.36
C4' A2M B 6 -2.17 -4.40 -9.72
O4' A2M B 6 -1.18 -3.66 -8.97
C3' A2M B 6 -2.73 -5.40 -8.70
O3' A2M B 6 -3.37 -6.44 -9.44
C2' A2M B 6 -1.41 -5.80 -8.05
O2' A2M B 6 -0.74 -6.63 -8.97
C1' A2M B 6 -0.69 -4.45 -7.92
CM' A2M B 6 0.50 -7.13 -8.49
N9 A2M B 6 -0.95 -3.79 -6.66
C8 A2M B 6 -1.88 -2.85 -6.38
N7 A2M B 6 -1.87 -2.44 -5.13
C5 A2M B 6 -0.87 -3.19 -4.55
C6 A2M B 6 -0.35 -3.21 -3.24
N6 A2M B 6 -0.84 -2.42 -2.30
N1 A2M B 6 0.70 -4.01 -2.97
C2 A2M B 6 1.19 -4.74 -3.98
N3 A2M B 6 0.76 -4.84 -5.23
C4 A2M B 6 -0.27 -4.02 -5.47
OP2 A2M B 6 -5.40 -1.12 -8.33
P OMG B 7 -4.29 -7.49 -8.63
OP1 OMG B 7 -4.74 -8.52 -9.66
OP2 OMG B 7 -5.28 -6.77 -7.78
O5' OMG B 7 -3.21 -8.21 -7.70
C5' OMG B 7 -3.60 -8.60 -6.34
C4' OMG B 7 -2.35 -9.04 -5.62
O4' OMG B 7 -1.45 -7.92 -5.42
C3' OMG B 7 -2.57 -9.65 -4.23
O3' OMG B 7 -2.82 -11.04 -4.40
C2' OMG B 7 -1.24 -9.32 -3.55
O2' OMG B 7 -0.21 -10.19 -4.00
CM2 OMG B 7 1.02 -10.11 -3.29
C1' OMG B 7 -0.93 -7.92 -4.11
N9 OMG B 7 -1.52 -6.86 -3.31
C8 OMG B 7 -2.55 -5.99 -3.58
N7 OMG B 7 -2.85 -5.19 -2.57
C5 OMG B 7 -1.97 -5.58 -1.57
C6 OMG B 7 -1.81 -5.07 -0.24
O6 OMG B 7 -2.39 -4.13 0.30
N1 OMG B 7 -0.76 -5.73 0.41
C2 OMG B 7 -0.02 -6.77 -0.10
N2 OMG B 7 0.96 -7.26 0.67
N3 OMG B 7 -0.13 -7.21 -1.36
C4 OMG B 7 -1.13 -6.58 -2.01
P A2M B 8 -3.66 -11.70 -3.20
OP1 A2M B 8 -3.72 -13.13 -3.69
O5' A2M B 8 -2.59 -11.66 -2.01
C5' A2M B 8 -1.51 -12.60 -1.97
C4' A2M B 8 -0.79 -12.44 -0.66
O4' A2M B 8 -0.47 -11.04 -0.43
C3' A2M B 8 -1.63 -12.84 0.57
O3' A2M B 8 -1.57 -14.24 0.67
C2' A2M B 8 -0.87 -12.11 1.67
O2' A2M B 8 0.35 -12.79 1.90
C1' A2M B 8 -0.56 -10.77 0.97
CM' A2M B 8 1.16 -12.15 2.87
N9 A2M B 8 -1.54 -9.72 1.17
C8 A2M B 8 -2.40 -9.22 0.23
N7 A2M B 8 -3.11 -8.21 0.66
C5 A2M B 8 -2.67 -7.99 1.96
C6 A2M B 8 -3.04 -7.05 2.96
N6 A2M B 8 -3.94 -6.08 2.79
N1 A2M B 8 -2.40 -7.13 4.15
C2 A2M B 8 -1.47 -8.08 4.32
N3 A2M B 8 -1.06 -9.03 3.46
C4 A2M B 8 -1.70 -8.93 2.29
OP2 A2M B 8 -4.87 -10.92 -2.81
N1 OMC B 9 -3.35 -11.51 5.36
C2 OMC B 9 -3.80 -10.46 6.15
N3 OMC B 9 -4.58 -9.50 5.58
C4 OMC B 9 -4.92 -9.58 4.28
C5 OMC B 9 -4.52 -10.68 3.48
C6 OMC B 9 -3.77 -11.62 4.05
O2 OMC B 9 -3.44 -10.44 7.34
N4 OMC B 9 -5.75 -8.67 3.79
C1' OMC B 9 -2.53 -12.53 6.05
C2' OMC B 9 -3.43 -13.60 6.71
O2' OMC B 9 -2.80 -14.10 7.88
CM2 OMC B 9 -3.43 -13.64 9.09
C3' OMC B 9 -3.51 -14.63 5.54
C4' OMC B 9 -2.06 -14.61 5.04
O4' OMC B 9 -1.69 -13.20 5.14
O3' OMC B 9 -3.93 -15.93 5.97
C5' OMC B 9 -1.81 -15.12 3.63
O5' OMC B 9 -2.89 -14.64 2.77
P OMC B 9 -2.92 -14.93 1.18
OP1 OMC B 9 -2.59 -16.39 1.04
OP2 OMC B 9 -4.25 -14.44 0.73
N1 UZL D 1 -23.65 -20.83 -0.45
C2 UZL D 1 -24.57 -20.19 -1.29
N3 UZL D 1 -25.39 -19.24 -0.76
C4 UZL D 1 -25.31 -18.93 0.53
C5 UZL D 1 -24.38 -19.56 1.40
C6 UZL D 1 -23.58 -20.49 0.87
O2 UZL D 1 -24.62 -20.52 -2.49
N4 UZL D 1 -26.13 -17.99 1.00
C1' UZL D 1 -22.75 -21.89 -1.00
C2' UZL D 1 -21.65 -21.35 -1.92
O2' UZL D 1 -21.10 -22.37 -2.76
CM2 UZL D 1 -21.52 -22.28 -4.11
C3' UZL D 1 -20.65 -20.84 -0.87
C4' UZL D 1 -20.72 -21.93 0.21
O4' UZL D 1 -22.06 -22.50 0.07
O3' UZL D 1 -19.32 -20.71 -1.36
C5' UZL D 1 -20.48 -21.47 1.63
O5' UZL D 1 -21.23 -22.31 2.55
N1 OMU D 2 -22.87 -16.93 -3.35
C2 OMU D 2 -23.85 -15.96 -3.39
N3 OMU D 2 -24.34 -15.58 -2.17
C4 OMU D 2 -23.99 -16.07 -0.94
C5 OMU D 2 -22.97 -17.09 -0.97
C6 OMU D 2 -22.46 -17.47 -2.15
O2 OMU D 2 -24.25 -15.44 -4.44
O4 OMU D 2 -24.53 -15.63 0.09
C1' OMU D 2 -22.29 -17.40 -4.63
C2' OMU D 2 -21.36 -16.42 -5.33
O2' OMU D 2 -21.29 -16.72 -6.72
CM2 OMU D 2 -22.28 -16.04 -7.50
C3' OMU D 2 -20.05 -16.73 -4.62
C4' OMU D 2 -20.11 -18.26 -4.64
O3' OMU D 2 -18.89 -16.26 -5.31
O4' OMU D 2 -21.52 -18.55 -4.39
C5' OMU D 2 -19.22 -19.00 -3.65
O5' OMU D 2 -19.30 -18.41 -2.33
P OMU D 2 -18.74 -19.24 -1.08
OP1 OMU D 2 -17.23 -19.27 -1.20
OP2 OMU D 2 -19.32 -18.70 0.20
P A2M D 3 -18.19 -15.01 -4.58
OP1 A2M D 3 -16.86 -14.74 -5.21
O5' A2M D 3 -19.17 -13.79 -4.96
C5' A2M D 3 -19.21 -13.37 -6.35
C4' A2M D 3 -20.42 -12.48 -6.55
O4' A2M D 3 -21.62 -13.15 -6.08
C3' A2M D 3 -20.43 -11.14 -5.81
O3' A2M D 3 -19.60 -10.19 -6.46
C2' A2M D 3 -21.92 -10.81 -5.91
O2' A2M D 3 -22.24 -10.33 -7.21
C1' A2M D 3 -22.54 -12.18 -5.64
CM' A2M D 3 -23.54 -9.77 -7.33
N9 A2M D 3 -22.81 -12.40 -4.23
C8 A2M D 3 -22.22 -13.34 -3.42
N7 A2M D 3 -22.66 -13.30 -2.19
C5 A2M D 3 -23.59 -12.28 -2.18
C6 A2M D 3 -24.42 -11.75 -1.17
N6 A2M D 3 -24.44 -12.22 0.07
N1 A2M D 3 -25.25 -10.73 -1.50
C2 A2M D 3 -25.22 -10.28 -2.76
N3 A2M D 3 -24.49 -10.69 -3.79
C4 A2M D 3 -23.69 -11.72 -3.44
OP2 A2M D 3 -18.26 -15.21 -3.09
P OMG D 4 -18.88 -9.10 -5.53
OP1 OMG D 4 -17.91 -8.37 -6.40
OP2 OMG D 4 -18.43 -9.77 -4.25
O5' OMG D 4 -20.05 -8.07 -5.15
C5' OMG D 4 -20.61 -7.27 -6.22
C4' OMG D 4 -21.82 -6.52 -5.73
O4' OMG D 4 -22.80 -7.44 -5.20
C3' OMG D 4 -21.57 -5.55 -4.57
O3' OMG D 4 -21.06 -4.30 -5.01
C2' OMG D 4 -22.98 -5.41 -4.01
O2' OMG D 4 -23.77 -4.54 -4.82
CM2 OMG D 4 -24.86 -3.92 -4.14
C1' OMG D 4 -23.46 -6.86 -4.10
N9 OMG D 4 -23.17 -7.64 -2.90
C8 OMG D 4 -22.25 -8.65 -2.75
N7 OMG D 4 -22.25 -9.18 -1.55
C5 OMG D 4 -23.22 -8.45 -0.87
C6 OMG D 4 -23.68 -8.57 0.47
O6 OMG D 4 -23.30 -9.35 1.35
N1 OMG D 4 -24.70 -7.66 0.76
C2 OMG D 4 -25.21 -6.75 -0.13
N2 OMG D 4 -26.18 -5.94 0.33
N3 OMG D 4 -24.79 -6.64 -1.40
C4 OMG D 4 -23.80 -7.52 -1.69
P OMG D 5 -20.19 -3.55 -3.88
OP1 OMG D 5 -19.61 -2.33 -4.54
OP2 OMG D 5 -19.28 -4.55 -3.23
O5' OMG D 5 -21.31 -3.04 -2.85
C5' OMG D 5 -21.94 -1.77 -3.17
C4' OMG D 5 -22.85 -1.30 -2.05
O4' OMG D 5 -23.75 -2.35 -1.63
C3' OMG D 5 -22.16 -0.89 -0.74
O3' OMG D 5 -21.60 0.41 -0.85
C2' OMG D 5 -23.38 -0.90 0.19
O2' OMG D 5 -24.19 0.23 -0.07
CM2 OMG D 5 -25.10 0.56 0.99
C1' OMG D 5 -24.00 -2.22 -0.25
N9 OMG D 5 -23.39 -3.38 0.40
C8 OMG D 5 -22.52 -4.27 -0.17
N7 OMG D 5 -22.15 -5.22 0.65
C5 OMG D 5 -22.82 -4.94 1.83
C6 OMG D 5 -22.80 -5.63 3.06
O6 OMG D 5 -22.16 -6.65 3.35
N1 OMG D 5 -23.63 -5.03 4.01
C2 OMG D 5 -24.37 -3.88 3.78
N2 OMG D 5 -25.11 -3.43 4.80
N3 OMG D 5 -24.39 -3.23 2.62
C4 OMG D 5 -23.59 -3.81 1.69
P A2M D 6 -20.24 0.59 -0.03
OP1 A2M D 6 -19.77 1.98 -0.38
O5' A2M D 6 -20.82 0.61 1.47
C5' A2M D 6 -21.69 1.70 1.83
C4' A2M D 6 -22.09 1.52 3.28
O4' A2M D 6 -22.80 0.26 3.42
C3' A2M D 6 -20.92 1.41 4.27
O3' A2M D 6 -20.38 2.69 4.59
C2' A2M D 6 -21.63 0.73 5.42
O2' A2M D 6 -22.45 1.66 6.12
C1' A2M D 6 -22.43 -0.33 4.65
CM' A2M D 6 -23.20 1.10 7.19
N9 A2M D 6 -21.65 -1.53 4.40
C8 A2M D 6 -20.94 -1.87 3.28
N7 A2M D 6 -20.33 -3.03 3.37
C5 A2M D 6 -20.64 -3.47 4.66
C6 A2M D 6 -20.29 -4.64 5.37
N6 A2M D 6 -19.51 -5.60 4.88
N1 A2M D 6 -20.78 -4.76 6.63
C2 A2M D 6 -21.54 -3.79 7.13
N3 A2M D 6 -21.95 -2.66 6.55
C4 A2M D 6 -21.45 -2.56 5.30
OP2 A2M D 6 -19.33 -0.61 -0.13
P OMG D 7 -18.80 2.62 4.82
OP1 OMG D 7 -18.31 4.01 5.15
OP2 OMG D 7 -18.06 1.83 3.77
O5' OMG D 7 -18.76 1.71 6.14
C5' OMG D 7 -18.95 2.36 7.42
C4' OMG D 7 -19.15 1.30 8.49
O4' OMG D 7 -19.73 0.12 7.92
C3' OMG D 7 -17.89 0.77 9.19
O3' OMG D 7 -17.35 1.70 10.13
C2' OMG D 7 -18.54 -0.45 9.87
O2' OMG D 7 -19.37 -0.03 10.95
CM2 OMG D 7 -19.98 -1.10 11.66
C1' OMG D 7 -19.38 -1.00 8.71
N9 OMG D 7 -18.64 -1.97 7.92
C8 OMG D 7 -18.19 -1.81 6.63
N7 OMG D 7 -17.54 -2.85 6.17
C5 OMG D 7 -17.52 -3.75 7.25
C6 OMG D 7 -16.95 -5.03 7.35
O6 OMG D 7 -16.33 -5.65 6.47
N1 OMG D 7 -17.15 -5.58 8.61
C2 OMG D 7 -17.83 -4.97 9.65
N2 OMG D 7 -17.95 -5.67 10.79
N3 OMG D 7 -18.40 -3.77 9.54
C4 OMG D 7 -18.19 -3.21 8.33
P A2M D 8 -15.76 1.59 10.39
OP1 A2M D 8 -15.35 2.80 11.18
O5' A2M D 8 -15.78 0.29 11.35
C5' A2M D 8 -16.41 0.35 12.62
C4' A2M D 8 -16.04 -0.90 13.37
O4' A2M D 8 -16.52 -2.06 12.66
C3' A2M D 8 -14.55 -1.16 13.50
O3' A2M D 8 -14.14 -0.32 14.57
C2' A2M D 8 -14.56 -2.66 13.84
O2' A2M D 8 -14.95 -2.82 15.20
C1' A2M D 8 -15.65 -3.15 12.88
CM' A2M D 8 -14.90 -4.17 15.68
N9 A2M D 8 -15.11 -3.56 11.58
C8 A2M D 8 -15.17 -2.82 10.43
N7 A2M D 8 -14.62 -3.41 9.41
C5 A2M D 8 -14.20 -4.64 9.88
C6 A2M D 8 -13.58 -5.72 9.24
N6 A2M D 8 -13.24 -5.72 7.95
N1 A2M D 8 -13.29 -6.80 10.01
C2 A2M D 8 -13.64 -6.79 11.30
N3 A2M D 8 -14.24 -5.83 12.00
C4 A2M D 8 -14.50 -4.76 11.23
OP2 A2M D 8 -14.94 1.18 9.20
N1 OMC D 9 -10.75 -4.53 12.76
C2 OMC D 9 -10.23 -5.53 11.93
N3 OMC D 9 -10.22 -5.32 10.59
C4 OMC D 9 -10.69 -4.18 10.07
C5 OMC D 9 -11.17 -3.13 10.91
C6 OMC D 9 -11.17 -3.34 12.24
O2 OMC D 9 -9.80 -6.57 12.46
N4 OMC D 9 -10.68 -4.04 8.75
C1' OMC D 9 -10.69 -4.73 14.23
C2' OMC D 9 -9.34 -4.38 14.84
O2' OMC D 9 -9.03 -5.23 15.94
CM2 OMC D 9 -7.74 -5.84 15.86
C3' OMC D 9 -9.59 -2.96 15.32
C4' OMC D 9 -11.03 -3.05 15.81
O4' OMC D 9 -11.65 -3.86 14.80
O3' OMC D 9 -8.62 -2.53 16.27
C5' OMC D 9 -11.83 -1.77 15.94
O5' OMC D 9 -11.75 -1.06 14.70
P OMC D 9 -12.66 0.24 14.52
OP1 OMC D 9 -12.45 1.12 15.72
OP2 OMC D 9 -12.30 0.81 13.16
N1 UZL F 1 28.02 12.95 -8.83
C2 UZL F 1 29.09 12.03 -8.84
N3 UZL F 1 29.63 11.64 -7.65
C4 UZL F 1 29.18 12.14 -6.50
C5 UZL F 1 28.10 13.08 -6.48
C6 UZL F 1 27.57 13.45 -7.65
O2 UZL F 1 29.50 11.59 -9.93
N4 UZL F 1 29.75 11.74 -5.38
C1' UZL F 1 27.45 13.39 -10.13
C2' UZL F 1 26.54 12.38 -10.82
O2' UZL F 1 26.69 12.43 -12.23
CM2 UZL F 1 27.81 11.69 -12.71
C3' UZL F 1 25.14 12.87 -10.40
C4' UZL F 1 25.34 14.39 -10.36
O4' UZL F 1 26.70 14.57 -9.91
O3' UZL F 1 24.14 12.56 -11.38
C5' UZL F 1 24.40 15.16 -9.47
O5' UZL F 1 23.19 14.41 -9.27
N1 OMU F 2 26.95 7.96 -9.60
C2 OMU F 2 27.69 7.19 -8.73
N3 OMU F 2 27.77 7.68 -7.44
C4 OMU F 2 27.19 8.85 -6.97
C5 OMU F 2 26.44 9.58 -7.93
C6 OMU F 2 26.34 9.13 -9.19
O2 OMU F 2 28.24 6.15 -9.06
O4 OMU F 2 27.37 9.16 -5.79
C1' OMU F 2 26.85 7.48 -11.01
C2' OMU F 2 25.80 6.40 -11.26
O2' OMU F 2 26.09 5.65 -12.44
CM2 OMU F 2 27.03 4.60 -12.23
C3' OMU F 2 24.57 7.28 -11.48
C4' OMU F 2 25.17 8.37 -12.38
O3' OMU F 2 23.51 6.59 -12.10
O4' OMU F 2 26.51 8.57 -11.85
C5' OMU F 2 24.43 9.68 -12.45
O5' OMU F 2 24.03 10.08 -11.11
P OMU F 2 23.13 11.39 -10.94
OP1 OMU F 2 22.00 11.36 -11.94
OP2 OMU F 2 22.77 11.51 -9.48
P A2M F 3 22.44 6.09 -11.01
OP1 A2M F 3 21.22 5.55 -11.72
O5' A2M F 3 23.26 4.89 -10.32
C5' A2M F 3 23.34 3.60 -10.98
C4' A2M F 3 23.95 2.59 -10.04
O4' A2M F 3 25.22 3.09 -9.55
C3' A2M F 3 23.18 2.27 -8.76
O3' A2M F 3 22.08 1.38 -8.96
C2' A2M F 3 24.29 1.64 -7.93
O2' A2M F 3 24.56 0.32 -8.41
C1' A2M F 3 25.44 2.60 -8.24
CM' A2M F 3 25.61 -0.36 -7.71
N9 A2M F 3 25.50 3.73 -7.31
C8 A2M F 3 24.92 4.97 -7.47
N7 A2M F 3 25.16 5.79 -6.48
C5 A2M F 3 25.97 5.06 -5.62
C6 A2M F 3 26.57 5.37 -4.38
N6 A2M F 3 26.45 6.55 -3.78
N1 A2M F 3 27.32 4.41 -3.78
C2 A2M F 3 27.45 3.24 -4.40
N3 A2M F 3 26.92 2.82 -5.55
C4 A2M F 3 26.19 3.79 -6.13
OP2 A2M F 3 22.17 7.13 -9.96
P OMG F 4 20.96 1.58 -7.82
OP1 OMG F 4 19.75 0.75 -8.17
OP2 OMG F 4 20.74 3.04 -7.55
O5' OMG F 4 21.65 1.02 -6.49
C5' OMG F 4 21.90 -0.40 -6.34
C4' OMG F 4 22.58 -0.69 -5.02
O4' OMG F 4 23.83 0.04 -4.91
C3' OMG F 4 21.81 -0.26 -3.76
O3' OMG F 4 20.70 -1.11 -3.46
C2' OMG F 4 22.98 -0.31 -2.75
O2' OMG F 4 23.38 -1.64 -2.40
CM2 OMG F 4 24.47 -1.69 -1.49
C1' OMG F 4 24.05 0.40 -3.57
N9 OMG F 4 23.99 1.84 -3.41
C8 OMG F 4 23.44 2.77 -4.26
N7 OMG F 4 23.52 4.00 -3.81
C5 OMG F 4 24.15 3.87 -2.57
C6 OMG F 4 24.51 4.86 -1.62
O6 OMG F 4 24.34 6.08 -1.68
N1 OMG F 4 25.13 4.29 -0.50
C2 OMG F 4 25.37 2.95 -0.32
N2 OMG F 4 25.97 2.59 0.82
N3 OMG F 4 25.03 2.01 -1.22
C4 OMG F 4 24.43 2.55 -2.31
P OMG F 5 19.52 -0.33 -2.67
OP1 OMG F 5 18.38 -1.29 -2.46
OP2 OMG F 5 19.22 1.04 -3.23
O5' OMG F 5 20.18 -0.06 -1.23
C5' OMG F 5 20.30 -1.19 -0.34
C4' OMG F 5 21.05 -0.75 0.89
O4' OMG F 5 22.18 0.07 0.52
C3' OMG F 5 20.26 0.12 1.86
O3' OMG F 5 19.33 -0.69 2.56
C2' OMG F 5 21.42 0.70 2.67
O2' OMG F 5 22.02 -0.24 3.55
CM2 OMG F 5 22.79 0.37 4.58
C1' OMG F 5 22.38 1.03 1.53
N9 OMG F 5 22.13 2.35 0.98
C8 OMG F 5 21.63 2.69 -0.24
N7 OMG F 5 21.54 3.98 -0.42
C5 OMG F 5 22.02 4.53 0.76
C6 OMG F 5 22.17 5.88 1.16
O6 OMG F 5 21.90 6.90 0.52
N1 OMG F 5 22.69 5.98 2.45
C2 OMG F 5 23.03 4.91 3.25
N2 OMG F 5 23.51 5.19 4.46
N3 OMG F 5 22.91 3.64 2.87
C4 OMG F 5 22.38 3.53 1.63
P A2M F 6 17.98 0.08 2.94
OP1 A2M F 6 17.04 -0.89 3.61
O5' A2M F 6 18.49 1.06 4.11
C5' A2M F 6 18.96 0.48 5.36
C4' A2M F 6 19.39 1.61 6.27
O4' A2M F 6 20.39 2.40 5.60
C3' A2M F 6 18.31 2.65 6.65
O3' A2M F 6 17.49 2.17 7.70
C2' A2M F 6 19.21 3.78 7.12
O2' A2M F 6 19.83 3.49 8.38
C1' A2M F 6 20.27 3.74 6.03
CM' A2M F 6 20.44 4.62 9.01
N9 A2M F 6 19.94 4.58 4.88
C8 A2M F 6 19.54 4.16 3.64
N7 A2M F 6 19.36 5.14 2.79
C5 A2M F 6 19.65 6.29 3.51
C6 A2M F 6 19.66 7.65 3.17
N6 A2M F 6 19.32 8.11 1.97
N1 A2M F 6 20.01 8.55 4.13
C2 A2M F 6 20.34 8.08 5.34
N3 A2M F 6 20.40 6.81 5.76
C4 A2M F 6 20.03 5.95 4.80
OP2 A2M F 6 17.51 0.94 1.80
P OMG F 7 15.97 2.66 7.72
OP1 OMG F 7 15.28 1.78 8.72
OP2 OMG F 7 15.45 2.75 6.31
O5' OMG F 7 16.04 4.15 8.29
C5' OMG F 7 16.47 4.36 9.65
C4' OMG F 7 16.64 5.83 9.88
O4' OMG F 7 17.63 6.35 8.97
C3' OMG F 7 15.41 6.71 9.60
O3' OMG F 7 14.48 6.68 10.67
C2' OMG F 7 16.08 8.06 9.46
O2' OMG F 7 16.41 8.58 10.74
CM2 OMG F 7 16.85 9.93 10.72
C1' OMG F 7 17.32 7.69 8.65
N9 OMG F 7 17.10 7.79 7.22
C8 OMG F 7 16.86 6.79 6.30
N7 OMG F 7 16.77 7.24 5.07
C5 OMG F 7 16.92 8.62 5.19
C6 OMG F 7 16.91 9.62 4.20
O6 OMG F 7 16.75 9.50 2.98
N1 OMG F 7 17.11 10.89 4.77
C2 OMG F 7 17.33 11.14 6.09
N2 OMG F 7 17.51 12.41 6.46
N3 OMG F 7 17.33 10.19 7.03
C4 OMG F 7 17.14 8.96 6.50
P A2M F 8 12.94 6.85 10.23
OP1 A2M F 8 12.11 6.50 11.42
O5' A2M F 8 12.80 8.43 9.94
C5' A2M F 8 12.93 9.36 11.03
C4' A2M F 8 12.90 10.76 10.44
O4' A2M F 8 13.94 10.86 9.44
C3' A2M F 8 11.64 11.14 9.67
O3' A2M F 8 10.60 11.56 10.55
C2' A2M F 8 12.16 12.29 8.82
O2' A2M F 8 12.21 13.47 9.62
C1' A2M F 8 13.54 11.75 8.42
CM' A2M F 8 12.43 14.66 8.88
N9 A2M F 8 13.55 11.04 7.14
C8 A2M F 8 13.54 9.68 6.94
N7 A2M F 8 13.60 9.34 5.67
C5 A2M F 8 13.64 10.55 4.98
C6 A2M F 8 13.67 10.88 3.62
N6 A2M F 8 13.70 9.98 2.63
N1 A2M F 8 13.70 12.18 3.29
C2 A2M F 8 13.69 13.09 4.27
N3 A2M F 8 13.64 12.91 5.59
C4 A2M F 8 13.61 11.60 5.89
OP2 A2M F 8 12.64 6.17 8.92
N1 OMC F 9 9.74 12.87 5.09
C2 OMC F 9 9.99 12.92 3.72
N3 OMC F 9 10.29 11.78 3.04
C4 OMC F 9 10.29 10.60 3.69
C5 OMC F 9 10.02 10.52 5.10
C6 OMC F 9 9.74 11.67 5.74
O2 OMC F 9 9.96 14.04 3.17
N4 OMC F 9 10.56 9.49 3.02
C1' OMC F 9 9.40 14.14 5.79
C2' OMC F 9 7.90 14.46 5.66
O2' OMC F 9 7.53 15.84 5.65
CM2 OMC F 9 8.27 16.67 4.78
C3' OMC F 9 7.37 13.82 6.94
C4' OMC F 9 8.47 14.23 7.93
O4' OMC F 9 9.68 14.03 7.18
O3' OMC F 9 6.06 14.25 7.32
C5' OMC F 9 8.53 13.44 9.21
O5' OMC F 9 8.83 12.06 8.89
P OMC F 9 9.15 11.04 10.10
OP1 OMC F 9 8.19 11.24 11.23
OP2 OMC F 9 9.22 9.64 9.54
S SO4 G . 3.08 1.02 1.09
O1 SO4 G . 2.82 0.76 2.52
O2 SO4 G . 1.81 1.01 0.38
O3 SO4 G . 3.70 2.30 0.94
O4 SO4 G . 3.93 0.00 0.54
K K H . 8.65 4.61 -0.17
#